data_9EY6
#
_entry.id   9EY6
#
_cell.length_a   103.754
_cell.length_b   103.754
_cell.length_c   140.988
_cell.angle_alpha   90.000
_cell.angle_beta   90.000
_cell.angle_gamma   120.000
#
_symmetry.space_group_name_H-M   'P 32 2 1'
#
loop_
_entity.id
_entity.type
_entity.pdbx_description
1 polymer '5,6-dihydroxyindole-2-carboxylic acid oxidase'
2 branched alpha-D-mannopyranose-(1-6)-beta-D-mannopyranose-(1-4)-2-acetamido-2-deoxy-beta-D-glucopyranose-(1-4)-2-acetamido-2-deoxy-beta-D-glucopyranose
3 branched 2-acetamido-2-deoxy-beta-D-glucopyranose-(1-4)-[alpha-L-fucopyranose-(1-6)]2-acetamido-2-deoxy-beta-D-glucopyranose
4 branched beta-D-mannopyranose-(1-4)-2-acetamido-2-deoxy-beta-D-glucopyranose-(1-4)-2-acetamido-2-deoxy-beta-D-glucopyranose
5 branched alpha-D-mannopyranose-(1-3)-[alpha-D-mannopyranose-(1-6)]beta-D-mannopyranose-(1-4)-2-acetamido-2-deoxy-beta-D-glucopyranose-(1-4)-[alpha-L-fucopyranose-(1-6)]2-acetamido-2-deoxy-beta-D-glucopyranose
6 non-polymer 2-acetamido-2-deoxy-beta-D-glucopyranose
7 non-polymer GLYCEROL
8 non-polymer 'ZINC ION'
9 water water
#
_entity_poly.entity_id   1
_entity_poly.type   'polypeptide(L)'
_entity_poly.pdbx_seq_one_letter_code
;QFPRQCATVEALRSGMCCPDLSPVSGPGTDRCGSSSGRGRCEAVTADSRPHSPQYPHDGRDDREVWPLRFFNRTCHCNGN
FSGHNCGTCRPGWRGAACDQRVLIVRRNLLDLSKEEKNHFVRALDMAKRTTHPLFVIATRRSEEILGPDGNTPQFENISI
YNYFVWTHYYSVKKTFLGVGQESFGEVDFSHEGPAFLTWHRYHLLRLEKDMQEMLQEPSFSLPYWNFATGKNVCDICTDD
LMGSRSNFDSTLISPNSVFSQWRVVCDSLEDYDTLGTLCNSTEDGPIRRNPAGNVARPMVQRLPEPQDVAQCLEVGLFDT
PPFYSNSTNSFRNTVEGYSDPTGKYDPAVRSLHNLAHLFLNGTGGQTHLSPNDPIFVLLHTFTDAVFDEWLRRYNADIST
FPLENAPIGHNRQYNMVPFWPPVTNTEMFVTAPDNLGYTYEIQWPSR
;
_entity_poly.pdbx_strand_id   A
#
loop_
_chem_comp.id
_chem_comp.type
_chem_comp.name
_chem_comp.formula
BMA D-saccharide, beta linking beta-D-mannopyranose 'C6 H12 O6'
FUC L-saccharide, alpha linking alpha-L-fucopyranose 'C6 H12 O5'
GOL non-polymer GLYCEROL 'C3 H8 O3'
MAN D-saccharide, alpha linking alpha-D-mannopyranose 'C6 H12 O6'
NAG D-saccharide, beta linking 2-acetamido-2-deoxy-beta-D-glucopyranose 'C8 H15 N O6'
ZN non-polymer 'ZINC ION' 'Zn 2'
#
# COMPACT_ATOMS: atom_id res chain seq x y z
N GLN A 1 2.13 -8.65 -10.26
CA GLN A 1 1.08 -7.68 -9.93
C GLN A 1 -0.21 -7.99 -10.69
N PHE A 2 -0.25 -9.14 -11.41
CA PHE A 2 -1.32 -9.43 -12.34
C PHE A 2 -2.01 -10.72 -11.97
N PRO A 3 -3.31 -10.85 -12.33
CA PRO A 3 -4.01 -12.13 -12.22
C PRO A 3 -3.18 -13.22 -12.87
N ARG A 4 -3.18 -14.40 -12.23
CA ARG A 4 -2.46 -15.57 -12.67
C ARG A 4 -2.78 -15.82 -14.14
N GLN A 5 -4.06 -15.70 -14.51
CA GLN A 5 -4.51 -16.14 -15.83
C GLN A 5 -4.11 -15.17 -16.96
N CYS A 6 -3.59 -13.98 -16.62
CA CYS A 6 -3.13 -13.03 -17.62
C CYS A 6 -1.60 -12.97 -17.67
N ALA A 7 -0.92 -13.74 -16.80
CA ALA A 7 0.54 -13.75 -16.75
C ALA A 7 1.05 -14.83 -17.69
N THR A 8 0.66 -14.70 -18.96
CA THR A 8 0.94 -15.69 -19.98
C THR A 8 1.50 -14.97 -21.20
N VAL A 9 2.02 -15.77 -22.13
CA VAL A 9 2.53 -15.27 -23.39
C VAL A 9 1.40 -14.70 -24.25
N GLU A 10 0.30 -15.45 -24.39
CA GLU A 10 -0.82 -14.98 -25.21
C GLU A 10 -1.39 -13.65 -24.69
N ALA A 11 -1.56 -13.52 -23.36
CA ALA A 11 -2.22 -12.35 -22.81
C ALA A 11 -1.33 -11.13 -22.95
N LEU A 12 -0.03 -11.29 -22.71
CA LEU A 12 0.89 -10.18 -22.93
C LEU A 12 0.97 -9.83 -24.42
N ARG A 13 0.88 -10.81 -25.32
CA ARG A 13 0.86 -10.54 -26.75
C ARG A 13 -0.40 -9.77 -27.19
N SER A 14 -1.57 -10.13 -26.65
CA SER A 14 -2.82 -9.49 -27.03
C SER A 14 -2.98 -8.12 -26.39
N GLY A 15 -2.20 -7.86 -25.32
CA GLY A 15 -2.34 -6.66 -24.50
C GLY A 15 -3.64 -6.57 -23.70
N MET A 16 -4.33 -7.71 -23.55
CA MET A 16 -5.63 -7.82 -22.89
C MET A 16 -5.50 -8.59 -21.57
N CYS A 17 -5.93 -7.98 -20.44
CA CYS A 17 -6.13 -8.70 -19.19
C CYS A 17 -7.60 -8.68 -18.82
N CYS A 18 -8.35 -9.61 -19.40
CA CYS A 18 -9.80 -9.62 -19.29
C CYS A 18 -10.26 -11.05 -19.00
N PRO A 19 -10.03 -11.60 -17.78
CA PRO A 19 -10.29 -13.02 -17.52
C PRO A 19 -11.78 -13.37 -17.44
N ASP A 20 -12.07 -14.66 -17.64
CA ASP A 20 -13.43 -15.16 -17.53
C ASP A 20 -13.91 -15.13 -16.09
N LEU A 21 -15.21 -14.99 -15.91
CA LEU A 21 -15.84 -15.22 -14.62
C LEU A 21 -16.42 -16.65 -14.56
N SER A 22 -17.42 -16.94 -15.42
CA SER A 22 -18.14 -18.21 -15.39
C SER A 22 -18.23 -18.79 -16.80
N PRO A 23 -17.12 -19.29 -17.37
CA PRO A 23 -17.10 -19.66 -18.79
C PRO A 23 -17.70 -21.03 -19.15
N VAL A 24 -19.03 -21.09 -19.29
CA VAL A 24 -19.74 -22.34 -19.45
C VAL A 24 -19.61 -22.87 -20.89
N SER A 25 -19.43 -21.99 -21.88
CA SER A 25 -19.32 -22.40 -23.28
C SER A 25 -17.85 -22.57 -23.71
N GLY A 26 -16.96 -22.92 -22.78
CA GLY A 26 -15.54 -23.03 -23.09
C GLY A 26 -14.81 -21.70 -22.86
N PRO A 27 -13.45 -21.72 -22.89
CA PRO A 27 -12.63 -20.51 -22.65
C PRO A 27 -13.00 -19.30 -23.49
N GLY A 28 -12.97 -18.11 -22.85
CA GLY A 28 -13.18 -16.82 -23.50
C GLY A 28 -14.66 -16.43 -23.63
N THR A 29 -15.55 -17.21 -23.02
CA THR A 29 -17.00 -17.07 -23.17
C THR A 29 -17.58 -15.98 -22.26
N ASP A 30 -16.94 -15.70 -21.11
CA ASP A 30 -17.54 -14.83 -20.11
C ASP A 30 -16.50 -13.86 -19.57
N ARG A 31 -15.82 -13.19 -20.48
CA ARG A 31 -14.81 -12.22 -20.08
C ARG A 31 -15.49 -11.10 -19.30
N CYS A 32 -15.00 -10.84 -18.07
CA CYS A 32 -15.45 -9.71 -17.27
C CYS A 32 -16.90 -9.89 -16.82
N GLY A 33 -17.38 -11.14 -16.82
CA GLY A 33 -18.78 -11.43 -16.50
C GLY A 33 -19.78 -10.78 -17.48
N SER A 34 -19.34 -10.57 -18.73
CA SER A 34 -20.17 -9.91 -19.74
C SER A 34 -21.46 -10.69 -20.01
N SER A 35 -21.42 -12.02 -19.94
CA SER A 35 -22.59 -12.83 -20.24
C SER A 35 -23.68 -12.68 -19.19
N SER A 36 -23.38 -12.18 -17.98
CA SER A 36 -24.43 -11.84 -17.02
C SER A 36 -24.58 -10.33 -16.84
N GLY A 37 -23.89 -9.51 -17.65
CA GLY A 37 -24.00 -8.07 -17.54
C GLY A 37 -23.15 -7.46 -16.41
N ARG A 38 -22.16 -8.19 -15.90
CA ARG A 38 -21.41 -7.69 -14.75
C ARG A 38 -20.35 -6.67 -15.18
N GLY A 39 -19.79 -6.82 -16.39
CA GLY A 39 -18.77 -5.90 -16.87
C GLY A 39 -18.44 -6.18 -18.33
N ARG A 40 -17.43 -5.46 -18.86
CA ARG A 40 -17.04 -5.58 -20.25
C ARG A 40 -15.54 -5.37 -20.40
N CYS A 41 -14.96 -5.97 -21.44
CA CYS A 41 -13.55 -5.76 -21.76
C CYS A 41 -13.41 -4.45 -22.54
N GLU A 42 -12.73 -3.45 -21.95
CA GLU A 42 -12.63 -2.15 -22.57
C GLU A 42 -11.20 -1.63 -22.52
N ALA A 43 -10.98 -0.53 -23.23
CA ALA A 43 -9.67 0.10 -23.20
C ALA A 43 -9.46 0.71 -21.81
N VAL A 44 -8.23 0.62 -21.31
CA VAL A 44 -7.84 1.25 -20.07
C VAL A 44 -7.66 2.77 -20.26
N THR A 45 -8.05 3.54 -19.23
CA THR A 45 -7.72 4.95 -19.08
C THR A 45 -6.43 5.06 -18.25
N ALA A 46 -5.35 5.59 -18.84
CA ALA A 46 -4.16 5.92 -18.09
C ALA A 46 -3.79 7.41 -18.22
N ASP A 47 -3.28 8.00 -17.13
CA ASP A 47 -2.96 9.41 -17.04
C ASP A 47 -1.92 9.80 -18.09
N SER A 48 -2.29 10.79 -18.92
CA SER A 48 -1.44 11.28 -19.99
C SER A 48 -0.61 12.50 -19.56
N ARG A 49 -0.99 13.12 -18.44
CA ARG A 49 -0.52 14.47 -18.12
C ARG A 49 0.95 14.42 -17.73
N PRO A 50 1.71 15.52 -17.90
CA PRO A 50 3.13 15.49 -17.55
C PRO A 50 3.43 15.46 -16.06
N HIS A 51 4.58 14.83 -15.76
CA HIS A 51 5.11 14.72 -14.41
C HIS A 51 6.23 15.75 -14.24
N SER A 52 6.59 16.04 -13.00
CA SER A 52 7.61 17.04 -12.72
C SER A 52 8.93 16.58 -13.34
N PRO A 53 9.82 17.53 -13.71
CA PRO A 53 11.05 17.22 -14.46
C PRO A 53 12.03 16.26 -13.81
N GLN A 54 12.63 15.38 -14.61
CA GLN A 54 13.64 14.43 -14.14
C GLN A 54 14.87 14.46 -15.05
N TYR A 55 16.05 14.60 -14.44
CA TYR A 55 17.29 14.68 -15.21
C TYR A 55 18.26 13.60 -14.73
N PRO A 56 18.59 12.58 -15.55
CA PRO A 56 17.97 12.35 -16.85
C PRO A 56 16.62 11.63 -16.81
N HIS A 57 16.05 11.50 -18.01
CA HIS A 57 14.76 10.90 -18.21
C HIS A 57 14.75 10.36 -19.64
N ASP A 58 14.79 9.04 -19.77
CA ASP A 58 14.66 8.42 -21.08
C ASP A 58 13.26 7.83 -21.21
N GLY A 59 12.52 7.68 -20.08
CA GLY A 59 11.11 7.35 -20.10
C GLY A 59 10.86 5.86 -20.33
N ARG A 60 11.82 5.02 -19.91
CA ARG A 60 11.78 3.59 -20.17
C ARG A 60 11.26 2.80 -18.98
N ASP A 61 11.08 3.48 -17.83
CA ASP A 61 10.54 2.86 -16.62
C ASP A 61 9.16 2.22 -16.88
N ASP A 62 9.02 0.93 -16.53
CA ASP A 62 7.78 0.18 -16.73
C ASP A 62 6.59 0.74 -15.96
N ARG A 63 6.83 1.61 -14.99
CA ARG A 63 5.75 2.14 -14.16
C ARG A 63 5.17 3.41 -14.77
N GLU A 64 5.83 4.04 -15.77
CA GLU A 64 5.24 5.20 -16.44
C GLU A 64 3.92 4.77 -17.11
N VAL A 65 2.89 5.61 -16.98
CA VAL A 65 1.59 5.42 -17.60
C VAL A 65 1.02 4.02 -17.28
N TRP A 66 1.15 3.64 -16.02
CA TRP A 66 0.71 2.33 -15.52
C TRP A 66 -0.75 2.08 -15.87
N PRO A 67 -1.15 0.87 -16.38
CA PRO A 67 -0.23 -0.23 -16.75
C PRO A 67 0.06 -0.52 -18.23
N LEU A 68 0.05 0.53 -19.08
CA LEU A 68 0.17 0.42 -20.53
C LEU A 68 1.45 -0.24 -21.02
N ARG A 69 2.48 -0.35 -20.19
CA ARG A 69 3.63 -1.15 -20.59
C ARG A 69 3.24 -2.64 -20.65
N PHE A 70 2.12 -3.02 -20.05
CA PHE A 70 1.78 -4.43 -19.98
C PHE A 70 0.44 -4.75 -20.65
N PHE A 71 -0.61 -3.97 -20.36
CA PHE A 71 -1.93 -4.26 -20.87
C PHE A 71 -2.63 -2.96 -21.23
N ASN A 72 -3.41 -2.98 -22.32
CA ASN A 72 -4.14 -1.76 -22.69
C ASN A 72 -5.64 -2.01 -22.70
N ARG A 73 -6.10 -3.22 -22.39
CA ARG A 73 -7.52 -3.49 -22.18
C ARG A 73 -7.72 -4.27 -20.88
N THR A 74 -8.78 -3.93 -20.13
CA THR A 74 -9.06 -4.52 -18.82
C THR A 74 -10.57 -4.59 -18.64
N CYS A 75 -11.03 -5.16 -17.52
CA CYS A 75 -12.45 -5.22 -17.23
C CYS A 75 -12.92 -3.88 -16.66
N HIS A 76 -13.93 -3.30 -17.29
CA HIS A 76 -14.65 -2.17 -16.73
C HIS A 76 -15.99 -2.72 -16.22
N CYS A 77 -16.23 -2.62 -14.91
CA CYS A 77 -17.35 -3.29 -14.25
C CYS A 77 -18.55 -2.35 -14.30
N ASN A 78 -19.77 -2.90 -14.33
CA ASN A 78 -21.00 -2.12 -14.29
C ASN A 78 -21.52 -2.02 -12.85
N GLY A 79 -22.35 -1.01 -12.61
CA GLY A 79 -23.11 -0.89 -11.38
C GLY A 79 -22.18 -0.86 -10.17
N ASN A 80 -22.41 -1.80 -9.26
CA ASN A 80 -21.63 -1.87 -8.04
C ASN A 80 -20.81 -3.15 -8.03
N PHE A 81 -20.61 -3.75 -9.21
CA PHE A 81 -19.73 -4.89 -9.30
C PHE A 81 -18.28 -4.39 -9.32
N SER A 82 -17.32 -5.30 -9.05
CA SER A 82 -15.92 -5.00 -9.25
C SER A 82 -15.06 -6.27 -9.10
N GLY A 83 -13.74 -6.05 -9.13
CA GLY A 83 -12.78 -7.13 -9.19
C GLY A 83 -12.23 -7.28 -10.59
N HIS A 84 -11.19 -8.12 -10.67
CA HIS A 84 -10.41 -8.28 -11.88
C HIS A 84 -11.29 -8.84 -12.99
N ASN A 85 -12.31 -9.63 -12.64
CA ASN A 85 -13.23 -10.18 -13.61
C ASN A 85 -14.67 -9.79 -13.28
N CYS A 86 -14.84 -8.73 -12.47
CA CYS A 86 -16.15 -8.22 -12.13
C CYS A 86 -16.92 -9.25 -11.28
N GLY A 87 -16.18 -10.19 -10.67
CA GLY A 87 -16.83 -11.27 -9.92
C GLY A 87 -17.11 -10.94 -8.46
N THR A 88 -16.78 -9.74 -7.98
CA THR A 88 -17.05 -9.37 -6.60
C THR A 88 -17.77 -8.01 -6.58
N CYS A 89 -17.72 -7.29 -5.45
CA CYS A 89 -18.45 -6.04 -5.29
C CYS A 89 -17.53 -4.89 -4.92
N ARG A 90 -18.00 -3.67 -5.18
CA ARG A 90 -17.33 -2.45 -4.78
C ARG A 90 -17.33 -2.40 -3.26
N PRO A 91 -16.35 -1.74 -2.64
CA PRO A 91 -16.32 -1.67 -1.18
C PRO A 91 -17.57 -0.95 -0.65
N GLY A 92 -18.17 -1.55 0.40
CA GLY A 92 -19.40 -1.04 1.00
C GLY A 92 -20.65 -1.79 0.56
N TRP A 93 -20.48 -2.84 -0.25
CA TRP A 93 -21.57 -3.61 -0.83
C TRP A 93 -21.15 -5.08 -0.78
N ARG A 94 -22.13 -5.97 -0.61
CA ARG A 94 -21.91 -7.39 -0.74
C ARG A 94 -23.19 -8.01 -1.31
N GLY A 95 -23.15 -9.33 -1.52
CA GLY A 95 -24.28 -10.08 -2.08
C GLY A 95 -24.10 -10.36 -3.58
N ALA A 96 -24.85 -11.34 -4.09
CA ALA A 96 -24.72 -11.83 -5.46
C ALA A 96 -25.08 -10.73 -6.46
N ALA A 97 -26.01 -9.84 -6.08
CA ALA A 97 -26.38 -8.70 -6.90
C ALA A 97 -25.72 -7.42 -6.38
N CYS A 98 -24.81 -7.54 -5.40
CA CYS A 98 -24.07 -6.40 -4.88
C CYS A 98 -25.03 -5.27 -4.53
N ASP A 99 -26.13 -5.60 -3.84
CA ASP A 99 -27.14 -4.60 -3.46
C ASP A 99 -27.36 -4.55 -1.94
N GLN A 100 -26.50 -5.18 -1.14
CA GLN A 100 -26.59 -5.16 0.31
CA GLN A 100 -26.61 -5.14 0.31
C GLN A 100 -25.44 -4.33 0.89
N ARG A 101 -25.76 -3.20 1.53
CA ARG A 101 -24.78 -2.33 2.16
C ARG A 101 -24.04 -3.03 3.30
N VAL A 102 -22.75 -2.72 3.43
CA VAL A 102 -21.94 -3.23 4.53
C VAL A 102 -21.02 -2.10 5.01
N LEU A 103 -20.82 -2.08 6.34
CA LEU A 103 -19.99 -1.10 7.00
C LEU A 103 -19.16 -1.84 8.03
N ILE A 104 -17.83 -1.86 7.89
CA ILE A 104 -17.00 -2.48 8.91
C ILE A 104 -16.29 -1.39 9.72
N VAL A 105 -15.84 -1.77 10.92
CA VAL A 105 -15.32 -0.84 11.90
C VAL A 105 -13.88 -1.23 12.24
N ARG A 106 -12.95 -0.28 12.03
CA ARG A 106 -11.55 -0.42 12.39
C ARG A 106 -11.35 0.16 13.77
N ARG A 107 -10.77 -0.64 14.67
CA ARG A 107 -10.67 -0.24 16.08
C ARG A 107 -9.23 -0.23 16.57
N ASN A 108 -9.02 0.49 17.68
CA ASN A 108 -7.73 0.53 18.35
C ASN A 108 -7.42 -0.90 18.79
N LEU A 109 -6.24 -1.40 18.41
CA LEU A 109 -5.81 -2.75 18.79
C LEU A 109 -5.89 -2.99 20.31
N LEU A 110 -5.54 -1.99 21.11
CA LEU A 110 -5.59 -2.12 22.55
C LEU A 110 -7.01 -2.12 23.11
N ASP A 111 -8.04 -1.79 22.32
CA ASP A 111 -9.40 -1.84 22.83
C ASP A 111 -10.00 -3.20 22.52
N LEU A 112 -9.28 -4.07 21.80
CA LEU A 112 -9.81 -5.39 21.50
C LEU A 112 -9.76 -6.26 22.75
N SER A 113 -10.66 -7.25 22.79
CA SER A 113 -10.62 -8.30 23.80
C SER A 113 -9.46 -9.27 23.56
N LYS A 114 -9.15 -10.03 24.60
CA LYS A 114 -8.04 -10.97 24.56
C LYS A 114 -8.23 -11.93 23.40
N GLU A 115 -9.45 -12.42 23.27
CA GLU A 115 -9.75 -13.34 22.20
C GLU A 115 -9.64 -12.69 20.82
N GLU A 116 -10.08 -11.43 20.65
CA GLU A 116 -9.99 -10.77 19.35
C GLU A 116 -8.52 -10.44 19.02
N LYS A 117 -7.68 -10.13 20.01
CA LYS A 117 -6.27 -9.92 19.75
C LYS A 117 -5.67 -11.21 19.21
N ASN A 118 -5.99 -12.33 19.82
CA ASN A 118 -5.41 -13.58 19.36
C ASN A 118 -5.89 -13.91 17.93
N HIS A 119 -7.16 -13.59 17.64
CA HIS A 119 -7.72 -13.82 16.31
C HIS A 119 -6.97 -13.00 15.26
N PHE A 120 -6.70 -11.73 15.56
CA PHE A 120 -5.96 -10.88 14.64
C PHE A 120 -4.54 -11.42 14.41
N VAL A 121 -3.81 -11.79 15.48
CA VAL A 121 -2.45 -12.22 15.27
C VAL A 121 -2.44 -13.53 14.51
N ARG A 122 -3.43 -14.41 14.69
CA ARG A 122 -3.49 -15.66 13.96
CA ARG A 122 -3.45 -15.66 13.94
C ARG A 122 -3.80 -15.37 12.48
N ALA A 123 -4.69 -14.40 12.23
CA ALA A 123 -5.03 -14.08 10.85
C ALA A 123 -3.81 -13.55 10.09
N LEU A 124 -3.05 -12.63 10.70
CA LEU A 124 -1.87 -12.11 10.03
C LEU A 124 -0.88 -13.23 9.77
N ASP A 125 -0.71 -14.13 10.74
CA ASP A 125 0.26 -15.19 10.57
C ASP A 125 -0.16 -16.12 9.43
N MET A 126 -1.47 -16.36 9.28
CA MET A 126 -1.98 -17.15 8.17
C MET A 126 -1.79 -16.47 6.82
N ALA A 127 -2.00 -15.14 6.76
CA ALA A 127 -1.79 -14.40 5.53
C ALA A 127 -0.34 -14.48 5.08
N LYS A 128 0.56 -14.56 6.05
CA LYS A 128 2.00 -14.64 5.79
C LYS A 128 2.38 -15.96 5.12
N ARG A 129 1.62 -17.03 5.37
CA ARG A 129 1.97 -18.37 4.89
C ARG A 129 1.06 -18.85 3.74
N THR A 130 -0.10 -18.22 3.49
CA THR A 130 -1.04 -18.68 2.47
C THR A 130 -0.80 -17.99 1.12
N THR A 131 -0.77 -18.75 0.02
CA THR A 131 -0.54 -18.26 -1.34
C THR A 131 -1.67 -17.33 -1.76
N HIS A 132 -1.33 -16.19 -2.38
CA HIS A 132 -2.38 -15.32 -2.92
C HIS A 132 -3.14 -16.12 -3.96
N PRO A 133 -4.49 -16.28 -3.85
CA PRO A 133 -5.23 -17.06 -4.84
C PRO A 133 -5.23 -16.45 -6.25
N LEU A 134 -5.04 -15.12 -6.35
CA LEU A 134 -5.25 -14.38 -7.59
C LEU A 134 -3.95 -13.86 -8.23
N PHE A 135 -3.12 -13.13 -7.48
CA PHE A 135 -2.01 -12.41 -8.08
C PHE A 135 -0.70 -13.20 -8.06
N VAL A 136 0.12 -12.97 -9.08
CA VAL A 136 1.50 -13.42 -9.15
C VAL A 136 2.39 -12.22 -9.39
N ILE A 137 3.67 -12.32 -9.02
CA ILE A 137 4.57 -11.19 -9.12
C ILE A 137 5.64 -11.49 -10.16
N ALA A 138 6.02 -10.46 -10.91
CA ALA A 138 7.14 -10.52 -11.84
C ALA A 138 8.46 -10.50 -11.08
N THR A 139 9.39 -11.35 -11.51
CA THR A 139 10.75 -11.37 -10.97
C THR A 139 11.73 -10.63 -11.88
N ARG A 140 11.24 -10.22 -13.07
CA ARG A 140 12.05 -9.55 -14.08
C ARG A 140 11.30 -8.36 -14.67
N ARG A 141 12.07 -7.38 -15.12
CA ARG A 141 11.54 -6.22 -15.82
C ARG A 141 10.96 -6.66 -17.16
N SER A 142 10.24 -5.71 -17.78
CA SER A 142 9.39 -5.92 -18.95
C SER A 142 10.15 -6.54 -20.11
N GLU A 143 11.33 -5.96 -20.40
CA GLU A 143 12.14 -6.38 -21.54
C GLU A 143 12.68 -7.80 -21.36
N GLU A 144 12.73 -8.34 -20.13
CA GLU A 144 13.12 -9.73 -19.92
C GLU A 144 12.00 -10.62 -19.38
N ILE A 145 10.72 -10.23 -19.52
CA ILE A 145 9.61 -10.84 -18.78
C ILE A 145 9.26 -12.22 -19.33
N LEU A 146 9.74 -12.56 -20.53
CA LEU A 146 9.40 -13.82 -21.16
C LEU A 146 10.59 -14.79 -21.09
N GLY A 147 11.65 -14.40 -20.38
CA GLY A 147 12.75 -15.31 -20.07
C GLY A 147 13.76 -15.41 -21.20
N PRO A 148 14.82 -16.26 -21.05
CA PRO A 148 15.90 -16.30 -22.04
C PRO A 148 15.43 -16.85 -23.39
N ASP A 149 14.57 -17.89 -23.36
CA ASP A 149 14.03 -18.52 -24.56
C ASP A 149 12.76 -17.82 -25.09
N GLY A 150 12.45 -16.61 -24.62
CA GLY A 150 11.33 -15.81 -25.10
C GLY A 150 9.94 -16.45 -24.99
N ASN A 151 9.76 -17.55 -24.23
CA ASN A 151 8.47 -18.22 -24.15
C ASN A 151 8.12 -18.68 -22.72
N THR A 152 8.77 -18.11 -21.69
CA THR A 152 8.57 -18.56 -20.30
C THR A 152 8.30 -17.36 -19.39
N PRO A 153 7.03 -17.06 -19.03
CA PRO A 153 6.75 -15.91 -18.18
C PRO A 153 7.45 -16.01 -16.82
N GLN A 154 8.17 -14.95 -16.44
CA GLN A 154 8.93 -14.86 -15.21
C GLN A 154 8.04 -14.32 -14.07
N PHE A 155 7.01 -15.11 -13.73
CA PHE A 155 6.14 -14.83 -12.62
C PHE A 155 6.22 -15.93 -11.58
N GLU A 156 5.96 -15.55 -10.33
CA GLU A 156 6.00 -16.43 -9.18
C GLU A 156 4.75 -16.25 -8.32
N ASN A 157 4.31 -17.34 -7.69
CA ASN A 157 3.32 -17.34 -6.64
C ASN A 157 3.89 -16.62 -5.41
N ILE A 158 2.99 -16.05 -4.59
CA ILE A 158 3.45 -15.30 -3.43
C ILE A 158 2.36 -15.34 -2.37
N SER A 159 2.74 -15.21 -1.09
CA SER A 159 1.75 -15.22 -0.01
C SER A 159 0.98 -13.89 0.00
N ILE A 160 -0.23 -13.93 0.58
CA ILE A 160 -1.07 -12.75 0.73
C ILE A 160 -0.28 -11.60 1.37
N TYR A 161 0.46 -11.89 2.45
CA TYR A 161 1.11 -10.83 3.19
C TYR A 161 2.35 -10.37 2.39
N ASN A 162 3.06 -11.30 1.78
CA ASN A 162 4.25 -10.93 1.02
C ASN A 162 3.89 -10.07 -0.22
N TYR A 163 2.70 -10.29 -0.78
CA TYR A 163 2.22 -9.48 -1.90
C TYR A 163 2.04 -8.05 -1.40
N PHE A 164 1.54 -7.88 -0.19
CA PHE A 164 1.46 -6.55 0.42
C PHE A 164 2.84 -5.87 0.54
N VAL A 165 3.87 -6.65 0.87
CA VAL A 165 5.23 -6.13 0.97
C VAL A 165 5.74 -5.79 -0.43
N TRP A 166 5.50 -6.68 -1.39
CA TRP A 166 6.04 -6.53 -2.75
C TRP A 166 5.52 -5.29 -3.47
N THR A 167 4.20 -5.02 -3.40
CA THR A 167 3.64 -3.88 -4.08
C THR A 167 4.28 -2.61 -3.55
N HIS A 168 4.52 -2.51 -2.23
CA HIS A 168 5.17 -1.34 -1.64
C HIS A 168 6.61 -1.21 -2.15
N TYR A 169 7.34 -2.32 -2.22
CA TYR A 169 8.69 -2.36 -2.75
C TYR A 169 8.73 -1.85 -4.19
N TYR A 170 7.88 -2.42 -5.05
CA TYR A 170 7.81 -2.09 -6.47
C TYR A 170 7.54 -0.60 -6.67
N SER A 171 6.74 0.01 -5.80
CA SER A 171 6.45 1.44 -5.89
C SER A 171 7.62 2.36 -5.55
N VAL A 172 8.66 1.86 -4.85
CA VAL A 172 9.77 2.69 -4.39
C VAL A 172 11.10 2.30 -5.03
N LYS A 173 11.21 1.15 -5.70
CA LYS A 173 12.53 0.69 -6.14
C LYS A 173 13.13 1.65 -7.18
N LYS A 174 14.45 1.57 -7.38
CA LYS A 174 15.11 2.43 -8.35
C LYS A 174 14.95 1.87 -9.76
N THR A 175 14.69 2.75 -10.75
CA THR A 175 14.78 2.42 -12.18
C THR A 175 16.17 1.85 -12.48
N PHE A 176 16.23 0.79 -13.31
CA PHE A 176 17.46 0.02 -13.52
C PHE A 176 18.48 0.80 -14.36
N LEU A 177 19.76 0.77 -13.90
CA LEU A 177 20.91 1.45 -14.50
C LEU A 177 21.82 0.46 -15.24
N GLY A 178 21.90 0.55 -16.58
CA GLY A 178 22.80 -0.31 -17.35
C GLY A 178 24.27 0.06 -17.16
N VAL A 179 25.11 -0.31 -18.15
CA VAL A 179 26.52 0.07 -18.17
C VAL A 179 26.65 1.43 -18.88
N GLY A 180 27.58 2.26 -18.39
CA GLY A 180 27.88 3.56 -18.97
C GLY A 180 26.75 4.57 -18.82
N GLN A 181 25.75 4.26 -17.98
CA GLN A 181 24.54 5.06 -17.87
C GLN A 181 24.61 5.92 -16.60
N GLU A 182 24.44 7.25 -16.75
CA GLU A 182 24.52 8.18 -15.62
C GLU A 182 23.32 7.93 -14.71
N SER A 183 23.55 8.08 -13.39
CA SER A 183 22.57 7.72 -12.38
C SER A 183 21.36 8.66 -12.44
N PHE A 184 20.16 8.08 -12.47
CA PHE A 184 18.91 8.85 -12.53
C PHE A 184 18.63 9.46 -11.16
N GLY A 185 17.92 10.61 -11.15
CA GLY A 185 17.34 11.14 -9.93
C GLY A 185 16.28 10.18 -9.40
N GLU A 186 16.09 10.12 -8.07
CA GLU A 186 15.21 9.16 -7.44
C GLU A 186 13.73 9.49 -7.69
N VAL A 187 12.93 8.45 -7.88
CA VAL A 187 11.47 8.56 -7.97
C VAL A 187 10.86 7.70 -6.87
N ASP A 188 9.61 8.00 -6.53
CA ASP A 188 8.87 7.26 -5.52
C ASP A 188 7.37 7.40 -5.82
N PHE A 189 6.71 6.31 -6.22
CA PHE A 189 5.32 6.42 -6.64
C PHE A 189 4.32 6.45 -5.49
N SER A 190 4.79 6.36 -4.23
CA SER A 190 3.89 6.19 -3.09
C SER A 190 4.28 7.06 -1.90
N HIS A 191 5.40 7.79 -1.97
CA HIS A 191 5.82 8.70 -0.91
C HIS A 191 6.32 9.99 -1.54
N GLU A 192 6.38 11.05 -0.74
CA GLU A 192 7.01 12.32 -1.11
C GLU A 192 6.20 13.00 -2.22
N GLY A 193 4.90 13.09 -2.00
CA GLY A 193 4.00 13.64 -2.99
C GLY A 193 2.56 13.37 -2.58
N PRO A 194 1.56 14.00 -3.25
CA PRO A 194 0.18 13.91 -2.77
C PRO A 194 -0.45 12.52 -2.77
N ALA A 195 0.09 11.61 -3.59
CA ALA A 195 -0.45 10.24 -3.60
C ALA A 195 -0.04 9.41 -2.37
N PHE A 196 0.78 9.96 -1.46
CA PHE A 196 1.14 9.22 -0.25
C PHE A 196 -0.07 8.57 0.45
N LEU A 197 -1.10 9.36 0.74
CA LEU A 197 -2.25 8.93 1.51
C LEU A 197 -3.22 8.04 0.73
N THR A 198 -3.54 8.40 -0.54
CA THR A 198 -4.44 7.60 -1.37
C THR A 198 -3.78 6.25 -1.71
N TRP A 199 -2.45 6.26 -1.93
CA TRP A 199 -1.75 5.01 -2.21
C TRP A 199 -1.85 4.06 -1.02
N HIS A 200 -1.50 4.53 0.18
CA HIS A 200 -1.45 3.66 1.36
C HIS A 200 -2.85 3.24 1.78
N ARG A 201 -3.86 4.06 1.48
CA ARG A 201 -5.23 3.66 1.79
C ARG A 201 -5.67 2.45 0.97
N TYR A 202 -5.34 2.42 -0.32
CA TYR A 202 -5.74 1.36 -1.20
C TYR A 202 -4.98 0.10 -0.77
N HIS A 203 -3.70 0.28 -0.49
CA HIS A 203 -2.83 -0.79 -0.02
C HIS A 203 -3.49 -1.58 1.11
N LEU A 204 -4.03 -0.86 2.10
CA LEU A 204 -4.74 -1.42 3.24
C LEU A 204 -6.07 -2.06 2.82
N LEU A 205 -6.84 -1.39 1.98
CA LEU A 205 -8.13 -1.89 1.53
C LEU A 205 -7.96 -3.24 0.86
N ARG A 206 -6.92 -3.38 0.07
CA ARG A 206 -6.64 -4.62 -0.60
C ARG A 206 -6.22 -5.69 0.39
N LEU A 207 -5.40 -5.37 1.42
CA LEU A 207 -4.96 -6.42 2.34
C LEU A 207 -6.18 -6.92 3.12
N GLU A 208 -7.05 -6.00 3.53
CA GLU A 208 -8.24 -6.32 4.33
C GLU A 208 -9.14 -7.25 3.52
N LYS A 209 -9.30 -6.95 2.23
CA LYS A 209 -10.18 -7.73 1.39
C LYS A 209 -9.60 -9.12 1.19
N ASP A 210 -8.31 -9.23 0.91
CA ASP A 210 -7.61 -10.50 0.77
C ASP A 210 -7.77 -11.37 2.02
N MET A 211 -7.69 -10.76 3.22
CA MET A 211 -7.77 -11.52 4.45
C MET A 211 -9.23 -11.90 4.74
N GLN A 212 -10.20 -11.05 4.37
CA GLN A 212 -11.61 -11.39 4.46
C GLN A 212 -11.90 -12.65 3.63
N GLU A 213 -11.42 -12.69 2.39
CA GLU A 213 -11.54 -13.86 1.53
C GLU A 213 -10.82 -15.07 2.14
N MET A 214 -9.63 -14.88 2.73
CA MET A 214 -8.82 -16.00 3.21
C MET A 214 -9.50 -16.66 4.41
N LEU A 215 -10.09 -15.86 5.31
CA LEU A 215 -10.75 -16.35 6.51
C LEU A 215 -12.23 -16.74 6.27
N GLN A 216 -12.80 -16.37 5.11
CA GLN A 216 -14.24 -16.36 4.85
C GLN A 216 -15.01 -15.61 5.94
N GLU A 217 -14.53 -14.41 6.28
CA GLU A 217 -15.10 -13.59 7.33
C GLU A 217 -15.32 -12.20 6.72
N PRO A 218 -16.43 -11.98 5.99
CA PRO A 218 -16.66 -10.69 5.34
C PRO A 218 -16.51 -9.46 6.23
N SER A 219 -16.64 -9.63 7.56
CA SER A 219 -16.62 -8.53 8.52
C SER A 219 -15.26 -8.29 9.17
N PHE A 220 -14.25 -9.10 8.83
CA PHE A 220 -12.90 -8.87 9.31
C PHE A 220 -12.42 -7.46 8.94
N SER A 221 -11.84 -6.77 9.92
CA SER A 221 -11.32 -5.43 9.74
C SER A 221 -9.91 -5.35 10.32
N LEU A 222 -9.05 -4.49 9.74
CA LEU A 222 -7.72 -4.21 10.26
C LEU A 222 -7.83 -3.21 11.40
N PRO A 223 -7.24 -3.49 12.59
CA PRO A 223 -7.20 -2.50 13.67
C PRO A 223 -6.10 -1.49 13.46
N TYR A 224 -5.97 -0.52 14.36
CA TYR A 224 -4.96 0.53 14.27
C TYR A 224 -4.19 0.71 15.58
N TRP A 225 -3.00 1.30 15.43
CA TRP A 225 -2.14 1.61 16.54
C TRP A 225 -2.14 3.11 16.73
N ASN A 226 -2.59 3.56 17.89
CA ASN A 226 -2.51 4.97 18.19
C ASN A 226 -1.08 5.28 18.66
N PHE A 227 -0.26 5.74 17.71
CA PHE A 227 1.15 6.05 17.98
C PHE A 227 1.34 7.49 18.48
N ALA A 228 0.28 8.28 18.56
CA ALA A 228 0.43 9.67 18.97
C ALA A 228 0.21 9.83 20.47
N THR A 229 1.06 9.16 21.27
CA THR A 229 0.89 9.10 22.72
C THR A 229 2.04 9.79 23.44
N GLY A 230 3.10 10.15 22.73
CA GLY A 230 4.29 10.71 23.32
C GLY A 230 5.24 9.67 23.93
N LYS A 231 4.88 8.38 23.89
CA LYS A 231 5.58 7.38 24.70
C LYS A 231 6.99 7.14 24.17
N ASN A 232 7.81 6.57 25.06
CA ASN A 232 9.21 6.22 24.86
C ASN A 232 9.36 4.70 24.64
N VAL A 233 8.20 3.98 24.71
CA VAL A 233 8.06 2.54 24.44
C VAL A 233 7.00 2.31 23.36
N CYS A 234 7.07 1.13 22.72
CA CYS A 234 6.00 0.66 21.84
C CYS A 234 5.03 -0.17 22.67
N ASP A 235 3.81 0.35 22.88
CA ASP A 235 2.81 -0.23 23.75
C ASP A 235 2.07 -1.40 23.09
N ILE A 236 2.44 -1.82 21.87
CA ILE A 236 1.84 -2.99 21.23
C ILE A 236 2.91 -4.07 21.00
N CYS A 237 4.13 -3.78 21.48
CA CYS A 237 5.25 -4.74 21.48
C CYS A 237 5.22 -5.63 22.73
N THR A 238 4.14 -6.46 22.84
CA THR A 238 3.95 -7.52 23.82
C THR A 238 3.70 -8.84 23.11
N ASP A 239 3.89 -9.96 23.83
CA ASP A 239 3.90 -11.30 23.23
C ASP A 239 2.49 -11.77 22.86
N ASP A 240 1.46 -11.06 23.33
CA ASP A 240 0.11 -11.30 22.88
C ASP A 240 -0.25 -10.43 21.66
N LEU A 241 0.61 -9.46 21.30
CA LEU A 241 0.36 -8.60 20.14
C LEU A 241 1.50 -8.68 19.13
N MET A 242 2.28 -7.59 18.94
CA MET A 242 3.24 -7.55 17.85
C MET A 242 4.62 -8.06 18.25
N GLY A 243 4.81 -8.44 19.53
CA GLY A 243 5.97 -9.19 19.97
C GLY A 243 6.91 -8.30 20.76
N SER A 244 7.33 -8.77 21.95
CA SER A 244 8.25 -8.00 22.75
C SER A 244 9.68 -8.23 22.24
N ARG A 245 10.62 -7.55 22.87
CA ARG A 245 12.03 -7.72 22.56
C ARG A 245 12.58 -9.07 23.04
N SER A 246 13.39 -9.72 22.19
CA SER A 246 14.11 -10.93 22.55
C SER A 246 15.08 -10.69 23.71
N ASN A 247 15.16 -11.62 24.67
CA ASN A 247 16.10 -11.47 25.79
C ASN A 247 17.47 -11.96 25.36
N PHE A 248 17.56 -12.57 24.16
CA PHE A 248 18.81 -13.11 23.64
C PHE A 248 19.49 -12.22 22.60
N ASP A 249 18.75 -11.33 21.92
CA ASP A 249 19.29 -10.36 20.97
C ASP A 249 18.31 -9.19 20.92
N SER A 250 18.73 -8.02 21.40
CA SER A 250 17.78 -6.95 21.67
C SER A 250 17.24 -6.28 20.38
N THR A 251 17.73 -6.67 19.20
CA THR A 251 17.17 -6.18 17.94
C THR A 251 16.22 -7.22 17.32
N LEU A 252 16.01 -8.38 17.96
CA LEU A 252 15.11 -9.41 17.45
C LEU A 252 13.82 -9.41 18.27
N ILE A 253 12.80 -10.07 17.71
CA ILE A 253 11.52 -10.25 18.38
C ILE A 253 11.58 -11.49 19.27
N SER A 254 10.93 -11.38 20.42
CA SER A 254 10.76 -12.46 21.36
C SER A 254 10.36 -13.76 20.69
N PRO A 255 11.04 -14.90 20.98
CA PRO A 255 10.65 -16.19 20.41
C PRO A 255 9.32 -16.70 20.92
N ASN A 256 8.75 -16.07 21.96
CA ASN A 256 7.40 -16.40 22.37
C ASN A 256 6.34 -15.67 21.50
N SER A 257 6.77 -15.00 20.41
CA SER A 257 5.83 -14.43 19.46
C SER A 257 5.96 -15.15 18.13
N VAL A 258 4.84 -15.34 17.40
CA VAL A 258 4.92 -15.92 16.07
C VAL A 258 5.72 -15.03 15.13
N PHE A 259 5.71 -13.72 15.35
CA PHE A 259 6.40 -12.82 14.44
C PHE A 259 7.93 -12.97 14.47
N SER A 260 8.49 -13.69 15.46
CA SER A 260 9.92 -14.01 15.48
C SER A 260 10.27 -15.07 14.46
N GLN A 261 9.26 -15.81 14.00
CA GLN A 261 9.44 -16.80 12.96
C GLN A 261 9.37 -16.24 11.53
N TRP A 262 8.76 -15.04 11.34
CA TRP A 262 8.69 -14.43 10.02
C TRP A 262 10.08 -14.18 9.44
N ARG A 263 10.20 -14.46 8.12
CA ARG A 263 11.37 -14.13 7.33
C ARG A 263 11.00 -13.14 6.22
N VAL A 264 11.85 -12.13 5.99
CA VAL A 264 11.54 -10.95 5.16
C VAL A 264 11.77 -11.22 3.69
N VAL A 265 11.10 -10.41 2.85
CA VAL A 265 11.24 -10.45 1.39
C VAL A 265 11.75 -9.10 0.92
N CYS A 266 12.36 -9.09 -0.28
CA CYS A 266 12.85 -7.89 -0.95
C CYS A 266 14.08 -7.28 -0.29
N ASP A 267 14.89 -8.08 0.42
CA ASP A 267 16.03 -7.51 1.12
C ASP A 267 17.35 -7.65 0.34
N SER A 268 17.34 -7.98 -0.96
CA SER A 268 18.60 -8.05 -1.71
C SER A 268 18.74 -6.87 -2.66
N LEU A 269 18.75 -5.63 -2.16
CA LEU A 269 18.90 -4.48 -3.04
C LEU A 269 20.10 -4.61 -3.98
N GLU A 270 21.23 -5.07 -3.46
CA GLU A 270 22.48 -5.11 -4.21
C GLU A 270 22.31 -6.02 -5.42
N ASP A 271 21.60 -7.12 -5.29
CA ASP A 271 21.36 -7.98 -6.45
C ASP A 271 20.43 -7.30 -7.45
N TYR A 272 19.38 -6.63 -6.97
CA TYR A 272 18.37 -6.04 -7.85
C TYR A 272 19.08 -4.95 -8.67
N ASP A 273 19.94 -4.16 -8.03
CA ASP A 273 20.60 -3.02 -8.64
C ASP A 273 21.77 -3.45 -9.53
N THR A 274 22.40 -4.59 -9.27
CA THR A 274 23.47 -5.02 -10.16
C THR A 274 22.89 -5.89 -11.28
N LEU A 275 22.10 -6.92 -10.97
CA LEU A 275 21.67 -7.89 -11.98
C LEU A 275 20.48 -7.37 -12.79
N GLY A 276 19.80 -6.33 -12.29
CA GLY A 276 18.58 -5.82 -12.91
C GLY A 276 17.37 -6.76 -12.78
N THR A 277 17.36 -7.60 -11.72
CA THR A 277 16.19 -8.41 -11.37
C THR A 277 15.24 -7.62 -10.45
N LEU A 278 14.06 -8.21 -10.20
CA LEU A 278 13.16 -7.68 -9.17
C LEU A 278 13.07 -8.65 -7.98
N CYS A 279 12.74 -8.11 -6.80
CA CYS A 279 12.36 -8.89 -5.64
C CYS A 279 11.49 -10.09 -6.04
N ASN A 280 11.88 -11.29 -5.57
CA ASN A 280 11.06 -12.48 -5.75
C ASN A 280 10.48 -12.93 -4.40
N SER A 281 9.81 -14.09 -4.40
CA SER A 281 9.05 -14.54 -3.26
C SER A 281 9.90 -15.32 -2.24
N THR A 282 11.23 -15.42 -2.43
CA THR A 282 12.06 -16.15 -1.49
C THR A 282 12.37 -15.25 -0.28
N GLU A 283 12.10 -15.78 0.91
CA GLU A 283 12.34 -15.07 2.15
C GLU A 283 13.80 -15.20 2.58
N ASP A 284 14.28 -14.27 3.41
CA ASP A 284 15.68 -14.22 3.78
C ASP A 284 15.92 -13.30 4.97
N GLY A 285 16.00 -13.84 6.19
CA GLY A 285 16.43 -13.04 7.33
C GLY A 285 15.25 -12.61 8.19
N PRO A 286 15.47 -12.43 9.51
CA PRO A 286 14.38 -12.10 10.44
C PRO A 286 14.01 -10.63 10.44
N ILE A 287 12.85 -10.28 10.99
CA ILE A 287 12.56 -8.90 11.29
C ILE A 287 13.50 -8.42 12.39
N ARG A 288 13.98 -7.18 12.21
CA ARG A 288 14.75 -6.45 13.18
C ARG A 288 13.90 -5.31 13.69
N ARG A 289 13.86 -5.18 15.02
CA ARG A 289 13.09 -4.12 15.64
C ARG A 289 13.75 -3.79 16.96
N ASN A 290 13.78 -2.50 17.30
CA ASN A 290 14.49 -2.02 18.48
C ASN A 290 13.91 -0.69 18.89
N PRO A 291 12.67 -0.66 19.42
CA PRO A 291 11.99 0.60 19.67
C PRO A 291 12.76 1.47 20.66
N ALA A 292 12.83 2.76 20.29
CA ALA A 292 13.49 3.82 21.04
C ALA A 292 15.01 3.70 21.00
N GLY A 293 15.58 2.78 20.22
CA GLY A 293 17.00 2.52 20.34
C GLY A 293 17.91 3.18 19.28
N ASN A 294 17.46 4.27 18.63
CA ASN A 294 18.35 4.99 17.72
C ASN A 294 19.12 6.06 18.50
N VAL A 295 20.36 5.71 18.89
CA VAL A 295 21.13 6.54 19.82
C VAL A 295 21.83 7.69 19.08
N ALA A 296 22.36 7.43 17.87
CA ALA A 296 22.75 8.44 16.89
C ALA A 296 21.69 9.52 16.74
N ARG A 297 20.44 9.19 16.36
CA ARG A 297 19.42 10.19 16.06
C ARG A 297 18.48 10.34 17.26
N PRO A 298 18.79 11.17 18.27
CA PRO A 298 17.90 11.33 19.43
C PRO A 298 16.49 11.86 19.17
N MET A 299 16.27 12.67 18.12
CA MET A 299 14.93 13.20 17.90
C MET A 299 13.92 12.07 17.58
N VAL A 300 14.44 10.89 17.21
CA VAL A 300 13.67 9.74 16.78
C VAL A 300 13.41 8.73 17.92
N GLN A 301 13.53 9.14 19.20
CA GLN A 301 13.53 8.21 20.32
C GLN A 301 12.29 8.41 21.19
N ARG A 302 11.36 9.24 20.73
CA ARG A 302 10.11 9.45 21.41
C ARG A 302 9.02 9.60 20.33
N LEU A 303 7.78 9.22 20.64
CA LEU A 303 6.76 9.16 19.61
C LEU A 303 6.09 10.52 19.52
N PRO A 304 5.26 10.76 18.49
CA PRO A 304 4.51 12.01 18.36
C PRO A 304 3.59 12.27 19.55
N GLU A 305 3.42 13.55 19.89
CA GLU A 305 2.59 13.92 21.00
C GLU A 305 1.14 13.92 20.54
N PRO A 306 0.16 13.71 21.42
CA PRO A 306 -1.23 13.70 20.97
C PRO A 306 -1.63 14.98 20.20
N GLN A 307 -0.99 16.09 20.54
CA GLN A 307 -1.42 17.40 20.08
C GLN A 307 -0.83 17.66 18.69
N ASP A 308 0.21 16.88 18.31
CA ASP A 308 0.74 16.82 16.97
C ASP A 308 -0.38 16.47 15.97
N VAL A 309 -1.27 15.56 16.37
CA VAL A 309 -2.38 15.19 15.51
C VAL A 309 -3.44 16.29 15.46
N ALA A 310 -3.78 16.93 16.58
CA ALA A 310 -4.79 17.98 16.52
C ALA A 310 -4.30 19.16 15.67
N GLN A 311 -2.97 19.40 15.69
CA GLN A 311 -2.38 20.50 14.95
C GLN A 311 -2.37 20.23 13.44
N CYS A 312 -2.06 19.00 13.01
CA CYS A 312 -1.93 18.76 11.57
C CYS A 312 -3.30 18.86 10.90
N LEU A 313 -4.35 18.61 11.68
CA LEU A 313 -5.73 18.66 11.22
C LEU A 313 -6.23 20.10 11.10
N GLU A 314 -5.42 21.07 11.50
CA GLU A 314 -5.73 22.49 11.29
C GLU A 314 -5.23 22.91 9.91
N VAL A 315 -4.26 22.19 9.33
CA VAL A 315 -3.70 22.59 8.05
C VAL A 315 -4.75 22.32 6.96
N GLY A 316 -5.20 23.40 6.32
CA GLY A 316 -6.46 23.42 5.59
C GLY A 316 -6.28 23.10 4.10
N LEU A 317 -5.06 23.25 3.59
CA LEU A 317 -4.74 22.89 2.23
C LEU A 317 -4.20 21.45 2.18
N PHE A 318 -4.72 20.66 1.24
CA PHE A 318 -4.35 19.26 1.17
C PHE A 318 -2.90 19.14 0.81
N ASP A 319 -2.48 19.84 -0.25
CA ASP A 319 -1.07 19.86 -0.61
C ASP A 319 -0.74 21.21 -1.28
N THR A 320 0.56 21.44 -1.54
CA THR A 320 1.00 22.72 -2.04
C THR A 320 2.21 22.50 -2.94
N PRO A 321 2.43 23.40 -3.93
CA PRO A 321 3.63 23.32 -4.77
C PRO A 321 4.91 23.30 -3.94
N PRO A 322 5.98 22.59 -4.35
CA PRO A 322 5.98 21.73 -5.53
C PRO A 322 5.51 20.28 -5.36
N PHE A 323 4.51 20.03 -4.49
CA PHE A 323 3.96 18.69 -4.22
C PHE A 323 5.02 17.64 -3.92
N TYR A 324 5.87 17.91 -2.92
CA TYR A 324 7.03 17.07 -2.66
C TYR A 324 7.36 17.09 -1.16
N SER A 325 8.48 16.44 -0.78
CA SER A 325 8.86 16.33 0.64
C SER A 325 9.26 17.69 1.22
N ASN A 326 9.30 18.75 0.41
CA ASN A 326 9.61 20.08 0.94
C ASN A 326 8.44 21.04 0.77
N SER A 327 7.22 20.54 0.60
CA SER A 327 6.09 21.45 0.55
C SER A 327 5.86 22.09 1.92
N THR A 328 5.21 23.27 1.97
CA THR A 328 4.87 23.93 3.22
C THR A 328 3.37 24.23 3.25
N ASN A 329 2.82 24.25 4.46
CA ASN A 329 1.38 24.44 4.68
C ASN A 329 0.58 23.37 3.96
N SER A 330 1.21 22.20 3.74
CA SER A 330 0.61 21.03 3.12
C SER A 330 0.16 20.04 4.21
N PHE A 331 -1.15 19.80 4.33
CA PHE A 331 -1.63 18.76 5.22
C PHE A 331 -0.91 17.44 4.93
N ARG A 332 -0.82 17.06 3.66
CA ARG A 332 -0.20 15.81 3.26
C ARG A 332 1.25 15.75 3.73
N ASN A 333 2.03 16.82 3.56
CA ASN A 333 3.45 16.75 3.88
C ASN A 333 3.62 16.70 5.40
N THR A 334 2.65 17.25 6.13
CA THR A 334 2.66 17.28 7.58
C THR A 334 2.37 15.88 8.14
N VAL A 335 1.23 15.30 7.76
CA VAL A 335 0.92 13.95 8.21
C VAL A 335 2.01 12.98 7.75
N GLU A 336 2.57 13.13 6.55
CA GLU A 336 3.62 12.21 6.12
C GLU A 336 4.80 12.34 7.08
N GLY A 337 5.03 13.57 7.56
CA GLY A 337 6.04 13.90 8.56
C GLY A 337 7.35 14.47 8.03
N TYR A 338 7.33 15.30 6.98
CA TYR A 338 8.55 16.01 6.57
C TYR A 338 8.52 17.49 7.01
N SER A 339 7.37 17.93 7.48
CA SER A 339 7.18 19.28 7.98
C SER A 339 6.55 19.16 9.37
N ASP A 340 6.84 20.12 10.27
CA ASP A 340 6.37 20.03 11.64
C ASP A 340 4.85 20.10 11.68
N PRO A 341 4.23 19.75 12.83
CA PRO A 341 2.77 19.59 12.91
C PRO A 341 1.88 20.81 12.65
N THR A 342 2.47 22.00 12.60
CA THR A 342 1.72 23.23 12.36
C THR A 342 1.58 23.48 10.87
N GLY A 343 2.46 22.86 10.07
CA GLY A 343 2.44 23.00 8.62
C GLY A 343 3.82 23.36 8.08
N LYS A 344 4.70 23.85 8.96
CA LYS A 344 5.93 24.51 8.55
C LYS A 344 7.01 23.49 8.19
N TYR A 345 7.47 23.52 6.94
CA TYR A 345 8.57 22.68 6.49
C TYR A 345 9.85 23.07 7.25
N ASP A 346 10.80 22.12 7.29
CA ASP A 346 12.11 22.28 7.87
C ASP A 346 12.86 20.96 7.63
N PRO A 347 14.00 20.96 6.90
CA PRO A 347 14.64 19.70 6.51
C PRO A 347 15.13 18.79 7.64
N ALA A 348 15.15 19.28 8.88
CA ALA A 348 15.68 18.49 9.99
C ALA A 348 14.57 17.67 10.66
N VAL A 349 13.35 18.25 10.71
CA VAL A 349 12.16 17.65 11.29
C VAL A 349 11.86 16.25 10.72
N ARG A 350 11.46 15.36 11.64
CA ARG A 350 10.67 14.16 11.35
C ARG A 350 9.50 14.10 12.32
N SER A 351 8.28 14.10 11.79
CA SER A 351 7.09 14.06 12.62
C SER A 351 6.13 12.95 12.15
N LEU A 352 5.04 12.80 12.91
CA LEU A 352 3.90 11.94 12.66
C LEU A 352 4.32 10.60 12.04
N HIS A 353 3.95 10.33 10.77
CA HIS A 353 4.10 9.01 10.18
C HIS A 353 5.57 8.62 10.11
N ASN A 354 6.43 9.54 9.65
CA ASN A 354 7.85 9.22 9.46
C ASN A 354 8.53 8.96 10.82
N LEU A 355 8.12 9.72 11.87
CA LEU A 355 8.61 9.51 13.22
C LEU A 355 8.23 8.11 13.74
N ALA A 356 6.97 7.72 13.56
CA ALA A 356 6.53 6.39 13.97
C ALA A 356 7.42 5.30 13.36
N HIS A 357 7.70 5.39 12.06
CA HIS A 357 8.58 4.42 11.44
C HIS A 357 9.98 4.45 12.04
N LEU A 358 10.57 5.65 12.20
CA LEU A 358 11.96 5.74 12.61
C LEU A 358 12.16 5.31 14.08
N PHE A 359 11.16 5.57 14.91
CA PHE A 359 11.13 5.12 16.28
C PHE A 359 11.40 3.62 16.40
N LEU A 360 10.96 2.81 15.41
CA LEU A 360 11.13 1.38 15.51
C LEU A 360 12.59 0.93 15.39
N ASN A 361 13.45 1.79 14.82
CA ASN A 361 14.88 1.53 14.64
C ASN A 361 15.13 0.12 14.12
N GLY A 362 14.63 -0.18 12.92
CA GLY A 362 14.88 -1.49 12.33
C GLY A 362 14.20 -1.67 10.98
N THR A 363 13.87 -2.92 10.66
CA THR A 363 13.20 -3.27 9.43
C THR A 363 12.03 -2.33 9.12
N GLY A 364 11.28 -1.91 10.15
CA GLY A 364 10.08 -1.11 9.99
C GLY A 364 10.38 0.29 9.47
N GLY A 365 11.66 0.68 9.35
CA GLY A 365 12.01 2.05 8.99
C GLY A 365 12.91 2.19 7.77
N GLN A 366 13.12 1.11 7.03
CA GLN A 366 13.77 1.16 5.73
C GLN A 366 12.71 1.02 4.63
N THR A 367 12.70 1.97 3.68
CA THR A 367 11.50 2.20 2.88
C THR A 367 11.20 1.00 1.99
N HIS A 368 12.24 0.32 1.46
CA HIS A 368 11.99 -0.87 0.65
C HIS A 368 11.57 -2.12 1.44
N LEU A 369 11.74 -2.11 2.79
CA LEU A 369 11.43 -3.28 3.61
C LEU A 369 10.24 -3.10 4.57
N SER A 370 9.79 -1.88 4.83
CA SER A 370 9.09 -1.59 6.08
C SER A 370 7.85 -2.46 6.31
N PRO A 371 7.04 -2.82 5.29
CA PRO A 371 5.85 -3.63 5.54
C PRO A 371 6.15 -5.04 6.03
N ASN A 372 7.42 -5.49 5.95
CA ASN A 372 7.78 -6.79 6.50
C ASN A 372 7.53 -6.87 8.01
N ASP A 373 7.65 -5.73 8.69
CA ASP A 373 7.23 -5.62 10.07
C ASP A 373 5.73 -5.33 10.11
N PRO A 374 4.92 -6.25 10.67
CA PRO A 374 3.46 -6.04 10.69
C PRO A 374 2.92 -4.85 11.45
N ILE A 375 3.75 -4.18 12.26
CA ILE A 375 3.37 -2.91 12.87
C ILE A 375 3.01 -1.88 11.78
N PHE A 376 3.65 -2.02 10.60
CA PHE A 376 3.33 -1.24 9.41
C PHE A 376 1.83 -1.17 9.20
N VAL A 377 1.12 -2.30 9.28
CA VAL A 377 -0.32 -2.30 9.06
C VAL A 377 -0.99 -1.30 10.01
N LEU A 378 -0.64 -1.42 11.28
CA LEU A 378 -1.33 -0.71 12.35
C LEU A 378 -0.94 0.78 12.35
N LEU A 379 0.29 1.09 11.94
CA LEU A 379 0.73 2.48 11.82
C LEU A 379 0.05 3.15 10.62
N HIS A 380 -0.13 2.40 9.51
CA HIS A 380 -0.82 2.92 8.33
C HIS A 380 -2.34 3.03 8.51
N THR A 381 -3.01 2.16 9.30
CA THR A 381 -4.44 2.36 9.50
C THR A 381 -4.67 3.60 10.36
N PHE A 382 -3.74 3.90 11.28
CA PHE A 382 -3.88 5.11 12.07
C PHE A 382 -3.70 6.35 11.20
N THR A 383 -2.66 6.33 10.35
CA THR A 383 -2.41 7.41 9.41
C THR A 383 -3.63 7.61 8.50
N ASP A 384 -4.24 6.51 8.07
CA ASP A 384 -5.42 6.61 7.23
C ASP A 384 -6.59 7.25 7.98
N ALA A 385 -6.73 6.95 9.28
CA ALA A 385 -7.79 7.56 10.06
C ALA A 385 -7.59 9.07 10.17
N VAL A 386 -6.36 9.55 10.31
CA VAL A 386 -6.14 10.98 10.29
C VAL A 386 -6.58 11.54 8.93
N PHE A 387 -6.17 10.88 7.85
CA PHE A 387 -6.60 11.27 6.51
C PHE A 387 -8.11 11.36 6.43
N ASP A 388 -8.82 10.40 7.04
CA ASP A 388 -10.25 10.31 6.87
C ASP A 388 -10.94 11.43 7.62
N GLU A 389 -10.35 11.81 8.76
CA GLU A 389 -10.92 12.86 9.58
C GLU A 389 -10.74 14.19 8.84
N TRP A 390 -9.56 14.43 8.25
CA TRP A 390 -9.32 15.60 7.42
C TRP A 390 -10.32 15.64 6.26
N LEU A 391 -10.59 14.50 5.63
CA LEU A 391 -11.55 14.50 4.54
C LEU A 391 -12.93 14.95 5.04
N ARG A 392 -13.27 14.60 6.28
CA ARG A 392 -14.58 14.92 6.82
C ARG A 392 -14.67 16.41 7.20
N ARG A 393 -13.63 16.92 7.87
N ARG A 393 -13.58 16.95 7.77
CA ARG A 393 -13.51 18.33 8.21
CA ARG A 393 -13.56 18.33 8.24
C ARG A 393 -13.74 19.21 6.99
C ARG A 393 -13.40 19.34 7.10
N TYR A 394 -13.03 18.91 5.88
CA TYR A 394 -12.86 19.83 4.77
C TYR A 394 -13.63 19.41 3.53
N ASN A 395 -14.76 18.70 3.71
CA ASN A 395 -15.61 18.25 2.60
C ASN A 395 -14.82 17.68 1.43
N ALA A 396 -13.80 16.84 1.73
CA ALA A 396 -13.13 16.07 0.70
C ALA A 396 -12.70 16.98 -0.46
N ASP A 397 -12.08 18.10 -0.12
CA ASP A 397 -11.70 19.13 -1.06
C ASP A 397 -10.45 18.71 -1.83
N ILE A 398 -10.67 18.30 -3.09
CA ILE A 398 -9.62 17.75 -3.93
C ILE A 398 -8.90 18.83 -4.73
N SER A 399 -9.38 20.07 -4.68
CA SER A 399 -8.93 21.13 -5.58
C SER A 399 -7.41 21.33 -5.59
N THR A 400 -6.70 21.12 -4.46
CA THR A 400 -5.26 21.37 -4.49
C THR A 400 -4.47 20.11 -4.85
N PHE A 401 -5.15 18.98 -5.13
CA PHE A 401 -4.48 17.76 -5.55
C PHE A 401 -4.16 17.94 -7.04
N PRO A 402 -2.90 18.14 -7.43
CA PRO A 402 -2.55 18.50 -8.81
C PRO A 402 -2.93 17.44 -9.84
N LEU A 403 -3.41 17.93 -11.00
CA LEU A 403 -3.68 17.16 -12.20
C LEU A 403 -2.40 16.92 -12.97
N GLU A 404 -1.43 17.86 -12.88
CA GLU A 404 -0.21 17.72 -13.67
C GLU A 404 0.99 18.32 -12.95
N ASN A 405 2.21 17.91 -13.37
CA ASN A 405 3.49 18.42 -12.90
C ASN A 405 3.84 17.94 -11.49
N ALA A 406 3.05 17.00 -10.92
CA ALA A 406 3.43 16.37 -9.66
C ALA A 406 4.53 15.35 -9.93
N PRO A 407 5.30 14.92 -8.91
CA PRO A 407 6.31 13.89 -9.15
C PRO A 407 5.60 12.70 -9.78
N ILE A 408 6.36 11.88 -10.49
CA ILE A 408 5.76 10.81 -11.24
C ILE A 408 5.07 9.87 -10.26
N GLY A 409 3.82 9.50 -10.61
CA GLY A 409 3.01 8.57 -9.85
C GLY A 409 1.95 9.33 -9.09
N HIS A 410 2.11 10.65 -8.98
CA HIS A 410 1.35 11.42 -8.02
C HIS A 410 0.34 12.37 -8.64
N ASN A 411 0.20 12.42 -9.97
CA ASN A 411 -0.87 13.22 -10.55
C ASN A 411 -2.19 12.59 -10.15
N ARG A 412 -3.23 13.42 -10.05
CA ARG A 412 -4.52 12.99 -9.53
C ARG A 412 -5.13 11.78 -10.25
N GLN A 413 -4.93 11.62 -11.57
CA GLN A 413 -5.60 10.58 -12.33
C GLN A 413 -4.64 9.46 -12.69
N TYR A 414 -3.47 9.45 -12.08
CA TYR A 414 -2.57 8.32 -12.20
C TYR A 414 -3.21 7.06 -11.61
N ASN A 415 -3.02 5.95 -12.31
CA ASN A 415 -3.30 4.64 -11.77
C ASN A 415 -2.20 4.25 -10.79
N MET A 416 -2.55 4.18 -9.51
CA MET A 416 -1.61 3.97 -8.41
C MET A 416 -0.84 2.67 -8.64
N VAL A 417 0.49 2.75 -8.58
CA VAL A 417 1.33 1.64 -9.03
C VAL A 417 1.71 0.71 -7.89
N PRO A 418 1.73 -0.64 -8.04
CA PRO A 418 1.25 -1.38 -9.21
C PRO A 418 -0.07 -2.11 -8.97
N PHE A 419 -1.09 -1.38 -8.54
CA PHE A 419 -2.32 -2.04 -8.12
C PHE A 419 -3.12 -2.49 -9.33
N TRP A 420 -3.88 -3.58 -9.12
CA TRP A 420 -4.72 -4.20 -10.13
C TRP A 420 -6.06 -4.60 -9.53
N PRO A 421 -7.17 -4.36 -10.26
CA PRO A 421 -7.15 -3.56 -11.49
C PRO A 421 -6.86 -2.07 -11.32
N PRO A 422 -6.67 -1.33 -12.43
CA PRO A 422 -6.23 0.08 -12.34
C PRO A 422 -7.14 0.89 -11.45
N VAL A 423 -6.55 1.72 -10.58
CA VAL A 423 -7.33 2.52 -9.66
C VAL A 423 -6.59 3.82 -9.38
N THR A 424 -7.31 4.96 -9.50
CA THR A 424 -6.71 6.28 -9.51
C THR A 424 -6.65 6.83 -8.07
N ASN A 425 -5.75 7.79 -7.85
CA ASN A 425 -5.78 8.56 -6.61
C ASN A 425 -7.17 9.14 -6.33
N THR A 426 -7.89 9.59 -7.37
CA THR A 426 -9.19 10.20 -7.20
C THR A 426 -10.14 9.27 -6.46
N GLU A 427 -10.15 7.97 -6.83
CA GLU A 427 -11.12 7.05 -6.25
C GLU A 427 -10.93 6.89 -4.74
N MET A 428 -9.73 7.10 -4.19
CA MET A 428 -9.53 6.94 -2.76
C MET A 428 -9.78 8.24 -1.99
N PHE A 429 -9.94 9.36 -2.71
CA PHE A 429 -10.08 10.67 -2.08
C PHE A 429 -11.54 10.93 -1.77
N VAL A 430 -12.10 10.12 -0.86
CA VAL A 430 -13.50 10.18 -0.45
C VAL A 430 -13.59 9.78 1.01
N THR A 431 -14.63 10.25 1.71
CA THR A 431 -14.92 9.82 3.07
C THR A 431 -15.23 8.32 3.06
N ALA A 432 -14.58 7.57 3.96
CA ALA A 432 -14.63 6.11 3.91
C ALA A 432 -16.01 5.59 4.30
N PRO A 433 -16.66 6.07 5.37
CA PRO A 433 -17.94 5.50 5.82
C PRO A 433 -19.01 5.38 4.74
N ASP A 434 -19.13 6.42 3.92
CA ASP A 434 -20.17 6.47 2.90
C ASP A 434 -19.71 5.92 1.56
N ASN A 435 -18.39 5.86 1.29
CA ASN A 435 -17.93 5.51 -0.04
C ASN A 435 -17.12 4.21 -0.10
N LEU A 436 -16.48 3.78 1.00
CA LEU A 436 -15.55 2.67 0.94
C LEU A 436 -15.89 1.53 1.89
N GLY A 437 -16.96 1.68 2.65
CA GLY A 437 -17.50 0.56 3.41
C GLY A 437 -16.80 0.40 4.75
N TYR A 438 -16.11 1.43 5.26
CA TYR A 438 -15.45 1.28 6.55
C TYR A 438 -15.35 2.62 7.28
N THR A 439 -15.33 2.55 8.61
CA THR A 439 -15.14 3.71 9.46
C THR A 439 -14.20 3.36 10.61
N TYR A 440 -13.73 4.37 11.33
CA TYR A 440 -12.85 4.19 12.48
C TYR A 440 -13.60 4.52 13.78
N GLU A 441 -13.42 3.68 14.81
CA GLU A 441 -13.86 4.01 16.15
C GLU A 441 -12.68 4.68 16.85
N ILE A 442 -12.76 6.01 16.90
CA ILE A 442 -11.66 6.83 17.38
C ILE A 442 -12.19 8.17 17.89
N GLN A 443 -11.44 8.74 18.84
CA GLN A 443 -11.72 10.03 19.44
C GLN A 443 -10.53 10.94 19.21
N TRP A 444 -10.79 12.14 18.69
CA TRP A 444 -9.71 13.05 18.37
C TRP A 444 -9.46 13.97 19.57
N PRO A 445 -8.20 14.41 19.81
CA PRO A 445 -7.92 15.38 20.88
C PRO A 445 -8.66 16.68 20.60
N SER A 446 -9.32 17.26 21.62
CA SER A 446 -10.25 18.37 21.44
C SER A 446 -9.60 19.72 21.81
N ARG A 447 -8.79 20.28 20.89
CA ARG A 447 -8.04 21.50 21.15
C ARG A 447 -8.50 22.60 20.19
C1 NAG B . 19.28 1.97 14.69
C2 NAG B . 19.71 2.15 13.23
C3 NAG B . 21.22 2.00 13.06
C4 NAG B . 21.97 2.91 14.03
C5 NAG B . 21.51 2.53 15.44
C6 NAG B . 22.20 3.35 16.50
C7 NAG B . 17.94 1.53 11.70
C8 NAG B . 17.49 0.55 10.67
N2 NAG B . 19.06 1.22 12.33
O3 NAG B . 21.54 2.31 11.72
O4 NAG B . 23.38 2.77 13.85
O5 NAG B . 20.09 2.76 15.57
O6 NAG B . 21.64 4.67 16.53
O7 NAG B . 17.30 2.55 11.98
C1 NAG B . 24.17 3.92 13.76
C2 NAG B . 25.63 3.50 13.90
C3 NAG B . 26.62 4.61 13.50
C4 NAG B . 26.20 5.33 12.22
C5 NAG B . 24.76 5.80 12.41
C6 NAG B . 24.21 6.62 11.27
C7 NAG B . 25.91 1.83 15.68
C8 NAG B . 26.02 1.62 17.16
N2 NAG B . 25.92 3.10 15.26
O3 NAG B . 27.90 4.01 13.35
O4 NAG B . 27.06 6.47 11.96
O5 NAG B . 23.94 4.63 12.54
O6 NAG B . 24.45 5.97 10.03
O7 NAG B . 25.83 0.88 14.89
C1 BMA B . 28.25 6.39 11.22
C2 BMA B . 28.43 7.67 10.40
C3 BMA B . 29.80 7.72 9.72
C4 BMA B . 30.91 7.51 10.76
C5 BMA B . 30.65 6.17 11.47
C6 BMA B . 31.67 5.83 12.54
O2 BMA B . 28.23 8.82 11.22
O3 BMA B . 29.95 8.97 9.05
O4 BMA B . 32.21 7.50 10.14
O5 BMA B . 29.36 6.23 12.11
O6 BMA B . 31.44 4.48 12.99
C1 MAN B . 31.73 4.13 14.32
C2 MAN B . 31.19 2.70 14.52
C3 MAN B . 30.84 2.42 15.98
C4 MAN B . 31.72 3.28 16.87
C5 MAN B . 31.34 4.74 16.68
C6 MAN B . 32.42 5.67 17.21
O2 MAN B . 32.13 1.76 14.00
O3 MAN B . 30.99 1.03 16.31
O4 MAN B . 31.56 2.92 18.25
O5 MAN B . 31.13 5.05 15.27
O6 MAN B . 32.06 7.05 17.03
C1 NAG C . 12.12 21.36 -3.15
C2 NAG C . 12.66 22.72 -3.55
C3 NAG C . 12.87 22.72 -5.05
C4 NAG C . 13.73 21.54 -5.52
C5 NAG C . 13.19 20.22 -4.98
C6 NAG C . 14.13 19.03 -5.19
C7 NAG C . 11.89 24.48 -1.97
C8 NAG C . 10.77 25.45 -1.69
N2 NAG C . 11.84 23.86 -3.16
O3 NAG C . 13.48 23.96 -5.40
O4 NAG C . 13.71 21.49 -6.94
O5 NAG C . 13.03 20.35 -3.56
O6 NAG C . 14.33 18.65 -6.59
O7 NAG C . 12.79 24.27 -1.15
C1 NAG C . 14.56 22.37 -7.58
C2 NAG C . 15.34 21.70 -8.72
C3 NAG C . 16.15 22.76 -9.45
C4 NAG C . 15.24 23.92 -9.89
C5 NAG C . 14.62 24.51 -8.62
C6 NAG C . 13.76 25.74 -8.83
C7 NAG C . 16.72 19.63 -8.97
C8 NAG C . 17.22 18.44 -8.19
N2 NAG C . 16.20 20.63 -8.24
O3 NAG C . 16.85 22.21 -10.56
O4 NAG C . 16.02 24.89 -10.60
O5 NAG C . 13.79 23.47 -8.06
O6 NAG C . 12.51 25.44 -9.46
O7 NAG C . 16.81 19.69 -10.19
C1 FUC C . 13.34 17.93 -7.30
C2 FUC C . 13.84 16.48 -7.48
C3 FUC C . 12.74 15.47 -7.84
C4 FUC C . 11.41 15.70 -7.11
C5 FUC C . 10.98 17.18 -7.07
C6 FUC C . 10.46 17.73 -8.37
O2 FUC C . 14.61 16.04 -6.36
O3 FUC C . 12.53 15.44 -9.26
O4 FUC C . 10.37 14.96 -7.73
O5 FUC C . 12.08 18.01 -6.63
C1 NAG D . 15.38 -14.63 -5.77
C2 NAG D . 16.27 -15.30 -6.81
C3 NAG D . 17.54 -15.84 -6.13
C4 NAG D . 18.25 -14.74 -5.35
C5 NAG D . 17.28 -14.00 -4.42
C6 NAG D . 17.87 -12.71 -3.86
C7 NAG D . 15.24 -16.20 -8.88
C8 NAG D . 14.30 -17.22 -9.45
N2 NAG D . 15.56 -16.31 -7.58
O3 NAG D . 18.43 -16.38 -7.10
O4 NAG D . 19.34 -15.34 -4.63
O5 NAG D . 16.11 -13.58 -5.14
O6 NAG D . 18.31 -11.83 -4.95
O7 NAG D . 15.69 -15.30 -9.59
C1 NAG D . 20.58 -14.73 -4.77
C2 NAG D . 21.56 -15.29 -3.75
C3 NAG D . 22.96 -14.72 -3.96
C4 NAG D . 23.40 -14.92 -5.41
C5 NAG D . 22.37 -14.24 -6.30
C6 NAG D . 22.68 -14.30 -7.78
C7 NAG D . 20.32 -15.95 -1.76
C8 NAG D . 19.52 -15.46 -0.60
N2 NAG D . 21.11 -15.07 -2.38
O3 NAG D . 23.85 -15.37 -3.06
O4 NAG D . 24.72 -14.35 -5.59
O5 NAG D . 21.10 -14.91 -6.09
O6 NAG D . 22.54 -15.62 -8.32
O7 NAG D . 20.25 -17.11 -2.15
C1 BMA D . 25.77 -15.13 -6.09
C2 BMA D . 26.90 -14.19 -6.56
C3 BMA D . 28.21 -14.93 -6.86
C4 BMA D . 28.56 -15.92 -5.75
C5 BMA D . 27.39 -16.89 -5.57
C6 BMA D . 27.65 -18.00 -4.57
O2 BMA D . 27.09 -13.12 -5.63
O3 BMA D . 29.28 -14.00 -7.04
O4 BMA D . 29.74 -16.65 -6.09
O5 BMA D . 26.25 -16.12 -5.13
O6 BMA D . 27.90 -17.50 -3.27
C1 NAG E . 1.44 -21.49 -8.43
C2 NAG E . 2.07 -22.84 -8.83
C3 NAG E . 1.10 -23.67 -9.67
C4 NAG E . -0.31 -23.72 -9.09
C5 NAG E . -0.78 -22.29 -8.83
C6 NAG E . -2.16 -22.16 -8.23
C7 NAG E . 4.50 -23.12 -8.96
C8 NAG E . 5.75 -22.84 -9.75
N2 NAG E . 3.35 -22.70 -9.50
O3 NAG E . 1.67 -24.97 -9.75
O4 NAG E . -1.23 -24.33 -10.02
O5 NAG E . 0.14 -21.70 -7.89
O6 NAG E . -2.21 -22.81 -6.98
O7 NAG E . 4.54 -23.71 -7.89
C1 NAG E . -1.22 -25.71 -10.23
C2 NAG E . -2.54 -26.12 -10.88
C3 NAG E . -2.47 -27.60 -11.21
C4 NAG E . -1.34 -27.82 -12.20
C5 NAG E . -0.03 -27.40 -11.55
C6 NAG E . 1.14 -27.47 -12.51
C7 NAG E . -4.49 -24.71 -10.39
C8 NAG E . -5.69 -24.50 -9.52
N2 NAG E . -3.76 -25.81 -10.15
O3 NAG E . -3.72 -28.05 -11.72
O4 NAG E . -1.25 -29.20 -12.59
O5 NAG E . -0.11 -26.02 -11.09
O6 NAG E . 1.99 -26.32 -12.41
O7 NAG E . -4.20 -23.93 -11.30
C1 FUC E . -3.48 -23.17 -6.51
C2 FUC E . -3.33 -24.24 -5.43
C3 FUC E . -2.48 -23.69 -4.28
C4 FUC E . -3.09 -22.39 -3.78
C5 FUC E . -3.24 -21.40 -4.93
C6 FUC E . -3.93 -20.12 -4.52
O2 FUC E . -2.81 -25.45 -5.98
O3 FUC E . -2.36 -24.61 -3.20
O4 FUC E . -4.36 -22.65 -3.20
O5 FUC E . -4.04 -21.97 -5.98
C1 NAG F . -3.02 -2.56 -27.50
C2 NAG F . -2.72 -1.61 -28.65
C3 NAG F . -2.58 -2.36 -29.96
C4 NAG F . -1.52 -3.42 -29.84
C5 NAG F . -1.68 -4.35 -28.63
C6 NAG F . -0.28 -4.84 -28.36
C7 NAG F . -3.65 0.63 -28.61
C8 NAG F . -4.89 1.46 -28.75
N2 NAG F . -3.81 -0.67 -28.79
O3 NAG F . -2.14 -1.45 -30.94
O4 NAG F . -1.49 -4.19 -31.03
O5 NAG F . -2.07 -3.64 -27.44
O6 NAG F . -0.17 -5.89 -27.55
O7 NAG F . -2.57 1.11 -28.33
C1 NAG F . -0.17 -4.50 -31.40
C2 NAG F . -0.20 -5.58 -32.46
C3 NAG F . 1.20 -5.78 -33.02
C4 NAG F . 1.84 -4.46 -33.40
C5 NAG F . 1.85 -3.55 -32.17
C6 NAG F . 2.43 -2.17 -32.39
C7 NAG F . -1.84 -7.32 -32.14
C8 NAG F . -2.17 -8.63 -31.47
N2 NAG F . -0.65 -6.81 -31.88
O3 NAG F . 1.00 -6.66 -34.12
O4 NAG F . 3.18 -4.67 -33.83
O5 NAG F . 0.47 -3.32 -31.85
O6 NAG F . 1.78 -1.61 -33.52
O7 NAG F . -2.64 -6.74 -32.87
C1 BMA F . 3.55 -4.04 -35.01
C2 BMA F . 5.07 -3.99 -35.01
C3 BMA F . 5.63 -3.44 -36.35
C4 BMA F . 5.00 -4.14 -37.53
C5 BMA F . 3.45 -4.08 -37.41
C6 BMA F . 2.70 -4.72 -38.56
O2 BMA F . 5.53 -5.29 -34.70
O3 BMA F . 7.05 -3.56 -36.43
O4 BMA F . 5.40 -3.48 -38.73
O5 BMA F . 3.08 -4.73 -36.18
O6 BMA F . 2.54 -6.14 -38.51
C1 MAN F . 7.74 -2.36 -36.25
C2 MAN F . 9.24 -2.59 -36.54
C3 MAN F . 9.82 -3.44 -35.41
C4 MAN F . 9.57 -2.77 -34.07
C5 MAN F . 8.06 -2.62 -33.86
C6 MAN F . 7.68 -1.96 -32.56
O2 MAN F . 9.88 -1.33 -36.72
O3 MAN F . 11.22 -3.65 -35.61
O4 MAN F . 10.13 -3.54 -33.06
O5 MAN F . 7.54 -1.80 -34.93
O6 MAN F . 6.29 -1.53 -32.60
C1 MAN F . 3.40 -6.99 -39.20
C2 MAN F . 3.16 -7.11 -40.71
C3 MAN F . 4.34 -7.85 -41.34
C4 MAN F . 4.57 -9.18 -40.65
C5 MAN F . 4.71 -9.08 -39.13
C6 MAN F . 6.07 -8.57 -38.67
O2 MAN F . 2.96 -5.87 -41.40
O3 MAN F . 5.52 -7.05 -41.28
O4 MAN F . 3.45 -10.04 -40.88
O5 MAN F . 3.68 -8.20 -38.55
O6 MAN F . 6.33 -9.00 -37.30
C1 FUC F . 0.76 -5.80 -26.50
C2 FUC F . 2.21 -5.50 -26.97
C3 FUC F . 2.58 -4.03 -26.92
C4 FUC F . 2.16 -3.43 -25.58
C5 FUC F . 0.65 -3.57 -25.39
C6 FUC F . 0.18 -3.12 -24.02
O2 FUC F . 2.50 -6.07 -28.23
O3 FUC F . 3.98 -3.92 -27.11
O4 FUC F . 2.82 -4.10 -24.50
O5 FUC F . 0.22 -4.94 -25.48
C1 NAG G . -23.77 1.95 -5.83
C2 NAG G . -25.05 2.80 -5.98
C3 NAG G . -24.78 4.27 -5.63
C4 NAG G . -23.92 4.43 -4.38
C5 NAG G . -22.59 3.73 -4.62
C6 NAG G . -21.56 3.88 -3.51
C7 NAG G . -26.23 1.64 -7.86
C8 NAG G . -25.96 1.42 -9.32
N2 NAG G . -25.66 2.72 -7.30
O3 NAG G . -26.00 4.99 -5.50
O4 NAG G . -23.72 5.81 -4.08
O5 NAG G . -22.88 2.32 -4.76
O6 NAG G . -22.04 4.62 -2.39
O7 NAG G . -26.95 0.87 -7.22
C1 GOL H . 14.27 13.32 -0.29
O1 GOL H . 14.54 14.02 0.92
C2 GOL H . 14.65 11.86 -0.22
O2 GOL H . 14.13 11.27 0.97
C3 GOL H . 14.21 11.03 -1.43
O3 GOL H . 13.35 11.73 -2.32
C1 GOL I . 8.36 -17.66 7.60
O1 GOL I . 7.99 -16.35 7.14
C2 GOL I . 7.17 -18.57 7.73
O2 GOL I . 6.50 -18.64 6.48
C3 GOL I . 6.21 -18.15 8.83
O3 GOL I . 5.93 -19.21 9.74
C1 GOL J . 0.21 -17.26 19.10
O1 GOL J . -0.66 -17.55 18.00
C2 GOL J . 0.22 -15.78 19.43
O2 GOL J . -0.76 -15.47 20.42
C3 GOL J . 1.56 -15.27 19.90
O3 GOL J . 2.39 -14.86 18.82
C1 GOL K . -13.10 -12.30 14.86
O1 GOL K . -13.15 -13.63 14.35
C2 GOL K . -13.18 -12.31 16.37
O2 GOL K . -12.78 -13.58 16.82
C3 GOL K . -12.34 -11.28 17.06
O3 GOL K . -11.80 -10.32 16.14
ZN ZN L . 5.02 3.52 2.59
ZN ZN M . 4.69 4.38 6.09
ZN ZN N . 8.44 10.36 -17.95
ZN ZN O . 5.71 14.92 25.91
ZN ZN P . -12.46 -16.23 12.43
#